data_5LOR
#
_entry.id   5LOR
#
_cell.length_a   52.332
_cell.length_b   46.565
_cell.length_c   120.678
_cell.angle_alpha   90.00
_cell.angle_beta   94.27
_cell.angle_gamma   90.00
#
_symmetry.space_group_name_H-M   'P 1 21 1'
#
loop_
_entity.id
_entity.type
_entity.pdbx_description
1 polymer 'Nucleoside diphosphate-linked moiety X motif 22'
2 non-polymer "URIDINE-5'-DIPHOSPHATE-GLUCOSE"
3 water water
#
_entity_poly.entity_id   1
_entity_poly.type   'polypeptide(L)'
_entity_poly.pdbx_seq_one_letter_code
;MGSSHHHHHHSSGLVPRGSHMSCPVQTMDPEVTLLLQCPGGGLPQEQIQAELSPAHDRRPLPGGDEAITAIWETRLKAQP
WLFDAPKFRLHSATLAPIGSRGPQLLLRLGLTSYRDFLGTNWSSSAAWLRQQGATDWGDTQAYLADPLGVGAALATADDF
LVFLRRSRQVAEAPGLVDVPGGHPEPQALCPGGSPQHQDLAGQLVVHELFSSVLQEICDEVNLPLLTLSQPLLLGIARNE
TSAGRASAEFYVQCSLTSEQVRKHYLSGGPEAHESTGIFFVETQNVQRLLETEMWAELCPSAKGAIILYNRVQGSPTGAA
LGSPALLPPL
;
_entity_poly.pdbx_strand_id   A,B
#
loop_
_chem_comp.id
_chem_comp.type
_chem_comp.name
_chem_comp.formula
UPG non-polymer URIDINE-5'-DIPHOSPHATE-GLUCOSE 'C15 H24 N2 O17 P2'
#
# COMPACT_ATOMS: atom_id res chain seq x y z
N VAL A 25 7.51 2.80 -35.42
CA VAL A 25 8.57 3.88 -35.38
C VAL A 25 9.53 3.73 -34.22
N GLN A 26 10.79 3.46 -34.53
CA GLN A 26 11.78 3.27 -33.48
C GLN A 26 12.22 4.62 -32.91
N THR A 27 12.03 4.77 -31.60
CA THR A 27 12.29 6.01 -30.87
C THR A 27 13.74 6.18 -30.44
N MET A 28 14.48 5.06 -30.47
CA MET A 28 15.87 4.88 -29.98
C MET A 28 16.07 4.21 -28.59
N ASP A 29 15.05 4.23 -27.74
CA ASP A 29 15.07 3.44 -26.52
C ASP A 29 14.18 2.24 -26.84
N PRO A 30 14.71 1.02 -26.79
CA PRO A 30 13.98 -0.21 -27.12
C PRO A 30 12.74 -0.39 -26.24
N GLU A 31 12.68 0.37 -25.15
CA GLU A 31 11.48 0.43 -24.32
C GLU A 31 10.35 1.32 -24.88
N VAL A 32 10.66 2.13 -25.89
CA VAL A 32 9.70 3.11 -26.43
C VAL A 32 9.57 3.00 -27.96
N THR A 33 8.36 3.13 -28.47
CA THR A 33 8.15 3.36 -29.92
C THR A 33 7.06 4.42 -30.09
N LEU A 34 7.09 5.15 -31.21
CA LEU A 34 6.09 6.17 -31.51
C LEU A 34 4.97 5.63 -32.40
N LEU A 35 3.74 5.75 -31.90
CA LEU A 35 2.57 5.34 -32.64
C LEU A 35 2.07 6.53 -33.44
N LEU A 36 2.12 7.72 -32.82
CA LEU A 36 1.76 8.95 -33.48
C LEU A 36 2.61 10.15 -33.04
N GLN A 37 2.96 11.01 -33.99
CA GLN A 37 3.60 12.27 -33.69
C GLN A 37 2.80 13.43 -34.28
N CYS A 38 2.24 14.28 -33.44
CA CYS A 38 1.45 15.39 -33.88
C CYS A 38 2.19 16.50 -34.60
N PRO A 39 1.47 17.36 -35.29
CA PRO A 39 2.10 18.45 -36.05
C PRO A 39 2.42 19.58 -35.14
N GLY A 40 2.67 20.78 -35.64
CA GLY A 40 2.99 21.91 -34.78
C GLY A 40 4.14 21.48 -33.93
N GLY A 41 4.15 21.77 -32.64
CA GLY A 41 3.11 22.54 -32.00
C GLY A 41 2.26 21.72 -31.07
N GLY A 42 1.79 20.59 -31.54
CA GLY A 42 0.92 19.77 -30.77
C GLY A 42 -0.47 20.19 -31.16
N LEU A 43 -1.43 19.33 -30.94
CA LEU A 43 -2.83 19.58 -31.31
C LEU A 43 -3.68 19.97 -30.10
N PRO A 44 -4.45 21.07 -30.19
CA PRO A 44 -5.41 21.43 -29.15
C PRO A 44 -6.65 20.53 -29.17
N GLN A 45 -7.38 20.56 -28.06
CA GLN A 45 -8.50 19.68 -27.83
C GLN A 45 -9.64 19.84 -28.85
N GLU A 46 -9.75 21.02 -29.44
N GLU A 46 -9.75 21.03 -29.42
CA GLU A 46 -10.87 21.34 -30.32
CA GLU A 46 -10.85 21.37 -30.32
C GLU A 46 -10.68 20.71 -31.70
C GLU A 46 -10.70 20.62 -31.64
N GLN A 47 -9.48 20.22 -31.97
CA GLN A 47 -9.18 19.57 -33.26
C GLN A 47 -9.22 18.04 -33.22
N ILE A 48 -9.68 17.45 -32.13
CA ILE A 48 -9.57 16.00 -31.92
C ILE A 48 -10.92 15.38 -31.69
N GLN A 49 -11.16 14.27 -32.36
CA GLN A 49 -12.39 13.52 -32.19
C GLN A 49 -12.09 12.07 -31.76
N ALA A 50 -13.03 11.51 -31.01
CA ALA A 50 -13.01 10.10 -30.64
C ALA A 50 -14.25 9.37 -31.16
N GLU A 51 -14.01 8.16 -31.65
CA GLU A 51 -15.06 7.21 -32.02
C GLU A 51 -14.95 5.98 -31.16
N LEU A 52 -16.00 5.67 -30.42
CA LEU A 52 -16.04 4.46 -29.63
C LEU A 52 -16.89 3.44 -30.36
N SER A 53 -16.38 2.22 -30.45
CA SER A 53 -17.15 1.11 -31.01
C SER A 53 -16.68 -0.23 -30.46
N PRO A 54 -17.62 -1.15 -30.17
CA PRO A 54 -17.28 -2.49 -29.67
C PRO A 54 -16.30 -3.24 -30.60
N ALA A 55 -16.19 -2.78 -31.85
CA ALA A 55 -15.23 -3.32 -32.82
C ALA A 55 -13.79 -2.97 -32.48
N HIS A 56 -13.61 -2.00 -31.58
CA HIS A 56 -12.30 -1.54 -31.16
C HIS A 56 -11.84 -2.22 -29.88
N ASP A 57 -12.70 -3.09 -29.32
CA ASP A 57 -12.39 -3.85 -28.12
C ASP A 57 -11.38 -4.95 -28.44
N ARG A 58 -10.86 -5.58 -27.38
CA ARG A 58 -9.91 -6.69 -27.52
C ARG A 58 -10.62 -7.95 -28.01
N ARG A 59 -9.98 -8.68 -28.93
CA ARG A 59 -10.49 -10.00 -29.36
C ARG A 59 -10.35 -11.05 -28.24
N PRO A 60 -11.37 -11.92 -28.07
CA PRO A 60 -11.32 -12.90 -26.98
C PRO A 60 -10.18 -13.88 -27.15
N LEU A 61 -9.42 -14.08 -26.08
CA LEU A 61 -8.22 -14.90 -26.19
C LEU A 61 -8.62 -16.29 -26.67
N PRO A 62 -7.71 -16.95 -27.42
CA PRO A 62 -7.94 -18.32 -27.87
C PRO A 62 -8.20 -19.28 -26.69
N GLY A 63 -7.31 -19.28 -25.70
CA GLY A 63 -7.52 -20.05 -24.49
C GLY A 63 -8.79 -19.57 -23.83
N GLY A 64 -8.85 -18.27 -23.57
CA GLY A 64 -10.05 -17.67 -23.04
C GLY A 64 -9.77 -16.48 -22.14
N ASP A 65 -10.84 -15.95 -21.56
CA ASP A 65 -10.72 -14.87 -20.60
C ASP A 65 -10.51 -15.47 -19.20
N GLU A 66 -10.53 -16.80 -19.12
CA GLU A 66 -10.27 -17.51 -17.87
C GLU A 66 -8.80 -17.43 -17.49
N ALA A 67 -7.93 -17.37 -18.50
CA ALA A 67 -6.51 -17.15 -18.25
C ALA A 67 -6.30 -15.78 -17.61
N ILE A 68 -7.12 -14.81 -18.00
CA ILE A 68 -7.06 -13.48 -17.40
C ILE A 68 -7.52 -13.55 -15.97
N THR A 69 -8.48 -14.42 -15.68
CA THR A 69 -9.02 -14.53 -14.34
C THR A 69 -8.02 -15.14 -13.37
N ALA A 70 -7.22 -16.06 -13.87
CA ALA A 70 -6.24 -16.75 -13.05
C ALA A 70 -5.14 -15.77 -12.67
N ILE A 71 -4.72 -14.94 -13.63
CA ILE A 71 -3.66 -13.97 -13.39
C ILE A 71 -4.12 -12.89 -12.42
N TRP A 72 -5.39 -12.52 -12.49
CA TRP A 72 -5.96 -11.50 -11.61
C TRP A 72 -5.91 -11.95 -10.15
N GLU A 73 -6.26 -13.21 -9.92
CA GLU A 73 -6.27 -13.76 -8.57
C GLU A 73 -4.85 -13.80 -8.01
N THR A 74 -3.88 -14.19 -8.84
CA THR A 74 -2.49 -14.22 -8.45
C THR A 74 -1.95 -12.83 -8.07
N ARG A 75 -2.36 -11.80 -8.82
CA ARG A 75 -1.88 -10.44 -8.57
C ARG A 75 -2.51 -9.87 -7.30
N LEU A 76 -3.78 -10.21 -7.07
CA LEU A 76 -4.51 -9.80 -5.87
C LEU A 76 -3.91 -10.39 -4.58
N LYS A 77 -3.37 -11.60 -4.69
CA LYS A 77 -2.76 -12.24 -3.53
C LYS A 77 -1.55 -11.45 -3.06
N ALA A 78 -0.79 -10.91 -4.01
CA ALA A 78 0.41 -10.14 -3.68
C ALA A 78 0.06 -8.70 -3.30
N GLN A 79 -0.93 -8.13 -4.01
CA GLN A 79 -1.37 -6.75 -3.79
C GLN A 79 -2.89 -6.63 -3.68
N PRO A 80 -3.47 -7.01 -2.52
CA PRO A 80 -4.93 -7.00 -2.32
C PRO A 80 -5.62 -5.67 -2.57
N TRP A 81 -4.88 -4.57 -2.53
CA TRP A 81 -5.44 -3.22 -2.72
C TRP A 81 -5.75 -2.86 -4.19
N LEU A 82 -5.28 -3.70 -5.11
CA LEU A 82 -5.61 -3.56 -6.51
C LEU A 82 -7.12 -3.56 -6.71
N PHE A 83 -7.60 -2.73 -7.61
CA PHE A 83 -9.03 -2.69 -7.95
C PHE A 83 -9.22 -2.74 -9.46
N ASP A 84 -10.27 -3.42 -9.89
CA ASP A 84 -10.64 -3.44 -11.31
C ASP A 84 -11.51 -2.23 -11.65
N ALA A 85 -11.10 -1.48 -12.67
CA ALA A 85 -11.86 -0.35 -13.14
C ALA A 85 -11.81 -0.30 -14.67
N PRO A 86 -12.88 0.20 -15.30
CA PRO A 86 -12.94 0.35 -16.76
C PRO A 86 -11.94 1.34 -17.27
N LYS A 87 -11.50 1.10 -18.51
CA LYS A 87 -10.55 1.97 -19.18
C LYS A 87 -10.95 2.15 -20.64
N PHE A 88 -10.52 3.25 -21.25
CA PHE A 88 -10.55 3.38 -22.70
C PHE A 88 -9.45 2.53 -23.34
N ARG A 89 -9.78 1.88 -24.45
CA ARG A 89 -8.82 1.08 -25.19
C ARG A 89 -8.43 1.81 -26.45
N LEU A 90 -7.16 2.01 -26.66
CA LEU A 90 -6.71 2.62 -27.91
C LEU A 90 -6.61 1.54 -28.97
N HIS A 91 -7.35 1.71 -30.05
CA HIS A 91 -7.32 0.81 -31.17
C HIS A 91 -6.39 1.36 -32.23
N SER A 92 -6.62 2.62 -32.61
CA SER A 92 -5.79 3.29 -33.60
C SER A 92 -6.04 4.78 -33.66
N ALA A 93 -5.29 5.47 -34.51
CA ALA A 93 -5.36 6.91 -34.64
C ALA A 93 -5.03 7.31 -36.06
N THR A 94 -5.68 8.36 -36.55
CA THR A 94 -5.50 8.80 -37.92
C THR A 94 -5.45 10.31 -38.01
N LEU A 95 -4.41 10.81 -38.68
CA LEU A 95 -4.26 12.24 -38.92
C LEU A 95 -4.91 12.63 -40.24
N ALA A 96 -5.48 13.83 -40.30
CA ALA A 96 -6.01 14.38 -41.54
C ALA A 96 -5.20 15.63 -41.94
N PRO A 97 -5.17 15.95 -43.26
CA PRO A 97 -4.45 17.16 -43.70
C PRO A 97 -4.99 18.43 -43.07
N ILE A 98 -4.12 19.33 -42.67
CA ILE A 98 -4.58 20.58 -42.06
C ILE A 98 -5.40 21.38 -43.06
N GLY A 99 -6.44 22.03 -42.57
CA GLY A 99 -7.34 22.79 -43.40
C GLY A 99 -8.61 22.02 -43.73
N SER A 100 -8.54 20.71 -43.59
CA SER A 100 -9.72 19.86 -43.79
C SER A 100 -10.72 20.17 -42.69
N ARG A 101 -11.99 20.31 -43.07
CA ARG A 101 -13.04 20.63 -42.11
C ARG A 101 -13.30 19.43 -41.20
N GLY A 102 -13.53 19.73 -39.92
CA GLY A 102 -13.72 18.68 -38.92
C GLY A 102 -12.39 18.36 -38.24
N PRO A 103 -12.35 17.27 -37.48
CA PRO A 103 -11.14 16.90 -36.71
C PRO A 103 -9.90 16.61 -37.57
N GLN A 104 -8.76 17.13 -37.13
CA GLN A 104 -7.50 16.82 -37.77
C GLN A 104 -6.94 15.48 -37.29
N LEU A 105 -7.46 15.00 -36.15
CA LEU A 105 -7.11 13.69 -35.60
C LEU A 105 -8.33 12.93 -35.12
N LEU A 106 -8.41 11.66 -35.52
CA LEU A 106 -9.44 10.74 -35.04
C LEU A 106 -8.85 9.59 -34.19
N LEU A 107 -9.32 9.49 -32.94
CA LEU A 107 -8.93 8.41 -32.05
C LEU A 107 -10.01 7.34 -32.02
N ARG A 108 -9.67 6.11 -32.45
CA ARG A 108 -10.61 5.00 -32.38
C ARG A 108 -10.37 4.23 -31.11
N LEU A 109 -11.41 4.19 -30.28
CA LEU A 109 -11.31 3.69 -28.92
C LEU A 109 -12.28 2.55 -28.68
N GLY A 110 -11.88 1.64 -27.79
CA GLY A 110 -12.73 0.57 -27.30
C GLY A 110 -12.86 0.76 -25.81
N LEU A 111 -13.38 -0.26 -25.14
CA LEU A 111 -13.50 -0.27 -23.69
C LEU A 111 -12.74 -1.49 -23.16
N THR A 112 -12.04 -1.32 -22.04
CA THR A 112 -11.29 -2.45 -21.48
C THR A 112 -11.29 -2.26 -19.97
N SER A 113 -10.35 -2.87 -19.28
CA SER A 113 -10.30 -2.78 -17.81
C SER A 113 -8.91 -3.06 -17.28
N TYR A 114 -8.67 -2.70 -16.02
CA TYR A 114 -7.34 -2.87 -15.42
C TYR A 114 -7.06 -4.34 -15.24
N ARG A 115 -8.11 -5.11 -15.02
CA ARG A 115 -8.01 -6.54 -14.90
C ARG A 115 -7.51 -7.16 -16.19
N ASP A 116 -8.10 -6.76 -17.30
CA ASP A 116 -7.68 -7.28 -18.59
C ASP A 116 -6.27 -6.86 -18.90
N PHE A 117 -5.90 -5.67 -18.42
CA PHE A 117 -4.57 -5.11 -18.69
C PHE A 117 -3.50 -5.97 -18.03
N LEU A 118 -3.70 -6.31 -16.76
CA LEU A 118 -2.74 -7.16 -16.06
C LEU A 118 -2.74 -8.58 -16.59
N GLY A 119 -3.91 -9.06 -16.99
CA GLY A 119 -4.02 -10.40 -17.56
C GLY A 119 -3.51 -10.59 -18.98
N THR A 120 -3.27 -9.51 -19.72
CA THR A 120 -2.79 -9.64 -21.10
C THR A 120 -1.44 -8.97 -21.32
N ASN A 121 -1.40 -7.64 -21.34
CA ASN A 121 -0.17 -6.88 -21.58
C ASN A 121 0.97 -7.22 -20.61
N TRP A 122 0.61 -7.53 -19.37
CA TRP A 122 1.58 -7.88 -18.30
C TRP A 122 1.56 -9.38 -17.97
N SER A 123 0.87 -10.15 -18.79
CA SER A 123 0.98 -11.59 -18.73
C SER A 123 2.36 -12.02 -19.17
N SER A 124 2.81 -13.16 -18.67
CA SER A 124 4.06 -13.75 -19.09
C SER A 124 3.93 -14.30 -20.52
N SER A 125 2.70 -14.55 -20.95
CA SER A 125 2.42 -15.01 -22.31
C SER A 125 2.29 -13.87 -23.31
N ALA A 126 2.59 -12.64 -22.88
CA ALA A 126 2.37 -11.45 -23.70
C ALA A 126 3.00 -11.57 -25.07
N ALA A 127 4.22 -12.08 -25.12
CA ALA A 127 4.93 -12.16 -26.38
C ALA A 127 4.22 -13.14 -27.31
N TRP A 128 3.64 -14.18 -26.72
CA TRP A 128 2.93 -15.19 -27.46
C TRP A 128 1.59 -14.64 -27.98
N LEU A 129 1.02 -13.71 -27.23
CA LEU A 129 -0.24 -13.08 -27.62
C LEU A 129 0.00 -12.14 -28.79
N ARG A 130 1.09 -11.38 -28.74
CA ARG A 130 1.40 -10.48 -29.83
C ARG A 130 1.67 -11.23 -31.13
N GLN A 131 2.14 -12.48 -31.01
CA GLN A 131 2.42 -13.28 -32.19
C GLN A 131 1.13 -13.84 -32.75
N GLN A 132 0.29 -14.42 -31.90
CA GLN A 132 -1.01 -14.93 -32.32
C GLN A 132 -1.86 -13.85 -33.00
N GLY A 133 -1.82 -12.63 -32.48
CA GLY A 133 -2.56 -11.53 -33.06
C GLY A 133 -2.02 -11.17 -34.42
N ALA A 134 -0.69 -11.20 -34.55
CA ALA A 134 -0.03 -10.86 -35.81
C ALA A 134 -0.41 -11.86 -36.89
N THR A 135 -0.42 -13.14 -36.51
CA THR A 135 -0.77 -14.22 -37.42
C THR A 135 -2.25 -14.11 -37.79
N ASP A 136 -3.12 -14.17 -36.80
CA ASP A 136 -4.56 -14.26 -37.04
C ASP A 136 -5.18 -12.98 -37.62
N TRP A 137 -4.92 -11.86 -36.97
CA TRP A 137 -5.59 -10.61 -37.29
C TRP A 137 -4.70 -9.56 -37.90
N GLY A 138 -3.44 -9.91 -38.13
CA GLY A 138 -2.50 -8.98 -38.71
C GLY A 138 -2.27 -7.80 -37.80
N ASP A 139 -2.49 -8.00 -36.50
CA ASP A 139 -2.31 -6.93 -35.51
C ASP A 139 -1.71 -7.49 -34.22
N THR A 140 -0.52 -7.01 -33.86
CA THR A 140 0.15 -7.51 -32.65
C THR A 140 -0.68 -7.23 -31.40
N GLN A 141 -1.44 -6.14 -31.41
CA GLN A 141 -2.24 -5.76 -30.24
C GLN A 141 -3.61 -6.44 -30.15
N ALA A 142 -3.95 -7.26 -31.14
CA ALA A 142 -5.30 -7.81 -31.28
C ALA A 142 -5.85 -8.44 -30.02
N TYR A 143 -5.00 -9.17 -29.30
CA TYR A 143 -5.43 -9.87 -28.10
C TYR A 143 -5.07 -9.12 -26.82
N LEU A 144 -4.59 -7.89 -26.93
CA LEU A 144 -4.13 -7.15 -25.75
C LEU A 144 -5.12 -6.09 -25.30
N ALA A 145 -5.17 -5.85 -24.00
CA ALA A 145 -6.15 -4.92 -23.44
C ALA A 145 -5.82 -3.46 -23.85
N ASP A 146 -4.56 -3.12 -23.81
CA ASP A 146 -4.07 -1.82 -24.25
C ASP A 146 -4.89 -0.61 -23.76
N PRO A 147 -5.05 -0.48 -22.44
CA PRO A 147 -5.65 0.75 -21.89
C PRO A 147 -4.85 1.98 -22.26
N LEU A 148 -5.56 3.06 -22.57
CA LEU A 148 -4.89 4.29 -22.97
C LEU A 148 -4.58 5.10 -21.72
N GLY A 149 -3.31 5.38 -21.51
CA GLY A 149 -2.89 6.24 -20.42
C GLY A 149 -2.68 7.65 -20.93
N VAL A 150 -2.55 8.60 -20.01
CA VAL A 150 -2.13 9.96 -20.33
C VAL A 150 -0.92 10.35 -19.46
N GLY A 151 -0.04 11.19 -20.02
CA GLY A 151 1.09 11.74 -19.30
C GLY A 151 1.33 13.17 -19.76
N ALA A 152 2.14 13.93 -19.02
CA ALA A 152 2.38 15.34 -19.36
C ALA A 152 3.81 15.79 -19.17
N ALA A 153 4.36 16.38 -20.22
CA ALA A 153 5.52 17.24 -20.07
C ALA A 153 5.00 18.56 -19.50
N LEU A 154 5.33 18.82 -18.25
CA LEU A 154 4.85 19.97 -17.49
C LEU A 154 5.97 20.98 -17.29
N ALA A 155 5.92 22.09 -18.01
CA ALA A 155 6.95 23.11 -17.91
C ALA A 155 6.55 24.20 -16.89
N THR A 156 7.52 24.69 -16.13
CA THR A 156 7.30 25.76 -15.15
C THR A 156 7.65 27.09 -15.78
N ALA A 157 7.31 28.18 -15.09
CA ALA A 157 7.57 29.50 -15.63
C ALA A 157 9.08 29.75 -15.85
N ASP A 158 9.93 29.17 -15.00
CA ASP A 158 11.39 29.32 -15.16
C ASP A 158 12.01 28.21 -16.02
N ASP A 159 11.17 27.58 -16.84
CA ASP A 159 11.59 26.59 -17.85
C ASP A 159 12.31 25.35 -17.30
N PHE A 160 11.65 24.66 -16.37
CA PHE A 160 12.00 23.31 -15.97
C PHE A 160 10.84 22.38 -16.30
N LEU A 161 11.12 21.17 -16.78
CA LEU A 161 10.14 20.09 -16.74
C LEU A 161 10.09 19.44 -15.37
N VAL A 162 8.90 19.00 -14.98
CA VAL A 162 8.66 18.43 -13.66
C VAL A 162 8.60 16.90 -13.71
N PHE A 163 9.18 16.26 -12.70
CA PHE A 163 9.24 14.81 -12.60
C PHE A 163 8.85 14.39 -11.19
N LEU A 164 8.25 13.20 -11.09
CA LEU A 164 7.80 12.63 -9.82
C LEU A 164 8.31 11.22 -9.70
N ARG A 165 8.62 10.80 -8.49
CA ARG A 165 9.13 9.45 -8.31
C ARG A 165 7.99 8.56 -7.88
N ARG A 166 7.87 7.39 -8.48
CA ARG A 166 6.77 6.49 -8.18
C ARG A 166 6.98 5.73 -6.86
N SER A 167 5.87 5.41 -6.21
CA SER A 167 5.88 4.57 -5.02
C SER A 167 6.35 3.15 -5.39
N ARG A 168 6.75 2.38 -4.38
CA ARG A 168 7.03 0.96 -4.58
C ARG A 168 5.78 0.07 -4.50
N GLN A 169 4.65 0.66 -4.11
CA GLN A 169 3.41 -0.11 -3.94
C GLN A 169 2.51 -0.10 -5.18
N VAL A 170 3.03 0.45 -6.28
CA VAL A 170 2.31 0.42 -7.56
C VAL A 170 2.38 -0.96 -8.22
N ALA A 171 1.48 -1.21 -9.17
CA ALA A 171 1.42 -2.48 -9.90
C ALA A 171 2.49 -2.60 -10.98
N GLU A 172 3.08 -1.47 -11.40
CA GLU A 172 4.15 -1.53 -12.38
C GLU A 172 5.13 -0.36 -12.23
N ALA A 173 6.35 -0.56 -12.74
CA ALA A 173 7.42 0.43 -12.67
C ALA A 173 7.59 1.04 -11.28
N PRO A 174 7.65 0.18 -10.24
CA PRO A 174 7.83 0.73 -8.90
C PRO A 174 9.16 1.43 -8.74
N GLY A 175 9.12 2.56 -8.03
CA GLY A 175 10.34 3.25 -7.64
C GLY A 175 11.02 4.03 -8.74
N LEU A 176 10.37 4.15 -9.89
CA LEU A 176 11.01 4.82 -11.02
C LEU A 176 10.50 6.25 -11.11
N VAL A 177 11.27 7.11 -11.77
CA VAL A 177 10.89 8.49 -11.98
C VAL A 177 9.98 8.60 -13.18
N ASP A 178 8.88 9.32 -12.99
CA ASP A 178 7.79 9.39 -13.96
C ASP A 178 7.41 10.86 -14.16
N VAL A 179 6.64 11.15 -15.21
CA VAL A 179 6.03 12.46 -15.38
C VAL A 179 4.65 12.40 -14.81
N PRO A 180 4.02 13.56 -14.60
CA PRO A 180 2.63 13.46 -14.13
C PRO A 180 1.77 12.71 -15.15
N GLY A 181 0.86 11.86 -14.68
CA GLY A 181 -0.03 11.14 -15.56
C GLY A 181 -1.01 10.24 -14.83
N GLY A 182 -1.94 9.65 -15.57
CA GLY A 182 -2.87 8.68 -15.01
C GLY A 182 -3.77 8.10 -16.09
N HIS A 183 -4.81 7.38 -15.66
CA HIS A 183 -5.77 6.78 -16.59
C HIS A 183 -7.06 7.64 -16.65
N PRO A 184 -7.45 8.06 -17.85
CA PRO A 184 -8.79 8.64 -18.01
C PRO A 184 -9.85 7.62 -17.57
N GLU A 185 -10.97 8.11 -17.06
CA GLU A 185 -12.03 7.24 -16.53
C GLU A 185 -13.31 7.34 -17.36
N PRO A 186 -13.66 6.27 -18.09
CA PRO A 186 -14.96 6.21 -18.78
C PRO A 186 -16.12 6.41 -17.81
N GLN A 187 -15.95 5.90 -16.59
CA GLN A 187 -16.96 5.98 -15.54
C GLN A 187 -17.24 7.42 -15.07
N ALA A 188 -16.38 8.34 -15.50
CA ALA A 188 -16.56 9.76 -15.23
C ALA A 188 -17.64 10.40 -16.12
N LEU A 189 -17.79 9.90 -17.35
CA LEU A 189 -18.82 10.37 -18.27
C LEU A 189 -20.20 9.79 -17.96
N CYS A 190 -20.23 8.54 -17.49
CA CYS A 190 -21.47 7.92 -17.03
C CYS A 190 -21.27 7.33 -15.63
N PRO A 191 -21.41 8.18 -14.59
CA PRO A 191 -21.28 7.75 -13.20
C PRO A 191 -22.20 6.58 -12.83
N GLY A 192 -23.21 6.30 -13.65
CA GLY A 192 -24.10 5.18 -13.42
C GLY A 192 -23.39 3.84 -13.33
N GLY A 193 -22.20 3.75 -13.93
CA GLY A 193 -21.39 2.55 -13.87
C GLY A 193 -21.63 1.60 -15.03
N SER A 194 -20.77 0.59 -15.15
CA SER A 194 -20.82 -0.40 -16.24
C SER A 194 -21.06 0.28 -17.60
N PRO A 195 -20.04 1.02 -18.10
CA PRO A 195 -20.15 1.83 -19.32
C PRO A 195 -20.29 1.01 -20.62
N GLN A 196 -21.11 1.51 -21.52
CA GLN A 196 -21.26 0.95 -22.86
C GLN A 196 -20.79 2.01 -23.83
N HIS A 197 -20.32 1.60 -25.01
CA HIS A 197 -19.77 2.54 -26.00
C HIS A 197 -20.76 3.65 -26.40
N GLN A 198 -22.04 3.30 -26.46
CA GLN A 198 -23.10 4.22 -26.89
C GLN A 198 -23.44 5.26 -25.81
N ASP A 199 -23.00 5.00 -24.58
CA ASP A 199 -23.21 5.91 -23.44
C ASP A 199 -22.18 7.04 -23.43
N LEU A 200 -21.12 6.90 -24.22
CA LEU A 200 -19.99 7.80 -24.19
C LEU A 200 -19.88 8.56 -25.50
N ALA A 201 -20.24 9.84 -25.48
CA ALA A 201 -20.14 10.67 -26.68
C ALA A 201 -18.68 10.98 -26.98
N GLY A 202 -18.36 11.05 -28.27
CA GLY A 202 -17.01 11.27 -28.76
C GLY A 202 -16.33 12.49 -28.18
N GLN A 203 -17.05 13.61 -28.19
CA GLN A 203 -16.50 14.89 -27.76
C GLN A 203 -16.33 14.91 -26.26
N LEU A 204 -17.20 14.20 -25.55
CA LEU A 204 -17.04 14.13 -24.10
C LEU A 204 -15.86 13.23 -23.73
N VAL A 205 -15.55 12.26 -24.59
CA VAL A 205 -14.47 11.33 -24.31
C VAL A 205 -13.15 12.06 -24.50
N VAL A 206 -13.05 12.80 -25.60
CA VAL A 206 -11.88 13.61 -25.86
C VAL A 206 -11.66 14.60 -24.72
N HIS A 207 -12.77 15.14 -24.21
CA HIS A 207 -12.70 16.07 -23.10
C HIS A 207 -12.14 15.39 -21.85
N GLU A 208 -12.60 14.17 -21.59
CA GLU A 208 -12.16 13.42 -20.41
C GLU A 208 -10.66 13.14 -20.46
N LEU A 209 -10.13 12.91 -21.66
CA LEU A 209 -8.70 12.68 -21.84
C LEU A 209 -7.90 13.93 -21.48
N PHE A 210 -8.31 15.08 -22.01
CA PHE A 210 -7.65 16.36 -21.73
C PHE A 210 -7.79 16.81 -20.27
N SER A 211 -8.94 16.52 -19.67
CA SER A 211 -9.22 16.91 -18.29
C SER A 211 -8.55 16.02 -17.24
N SER A 212 -8.34 14.75 -17.58
CA SER A 212 -7.71 13.84 -16.62
C SER A 212 -6.26 14.24 -16.43
N VAL A 213 -5.66 14.76 -17.50
CA VAL A 213 -4.30 15.33 -17.47
C VAL A 213 -4.17 16.50 -16.51
N LEU A 214 -5.09 17.45 -16.59
CA LEU A 214 -5.01 18.64 -15.76
C LEU A 214 -5.29 18.26 -14.32
N GLN A 215 -6.25 17.37 -14.13
CA GLN A 215 -6.63 16.93 -12.80
C GLN A 215 -5.54 16.10 -12.14
N GLU A 216 -4.74 15.40 -12.93
CA GLU A 216 -3.67 14.61 -12.33
C GLU A 216 -2.62 15.57 -11.79
N ILE A 217 -2.30 16.60 -12.58
CA ILE A 217 -1.32 17.58 -12.19
C ILE A 217 -1.75 18.30 -10.92
N CYS A 218 -3.05 18.54 -10.80
CA CYS A 218 -3.59 19.24 -9.64
C CYS A 218 -3.55 18.38 -8.41
N ASP A 219 -3.90 17.10 -8.57
CA ASP A 219 -4.01 16.20 -7.43
C ASP A 219 -2.64 15.78 -6.86
N GLU A 220 -1.71 15.43 -7.76
CA GLU A 220 -0.39 14.96 -7.35
C GLU A 220 0.64 16.05 -7.03
N VAL A 221 0.57 17.18 -7.74
CA VAL A 221 1.49 18.31 -7.51
C VAL A 221 0.88 19.41 -6.64
N ASN A 222 -0.42 19.29 -6.35
CA ASN A 222 -1.14 20.28 -5.55
C ASN A 222 -1.06 21.65 -6.18
N LEU A 223 -1.10 21.68 -7.51
CA LEU A 223 -1.11 22.95 -8.22
C LEU A 223 -2.53 23.41 -8.52
N PRO A 224 -2.78 24.73 -8.42
CA PRO A 224 -4.10 25.26 -8.79
C PRO A 224 -4.37 25.22 -10.29
N LEU A 225 -5.59 24.85 -10.63
CA LEU A 225 -6.01 24.70 -12.04
C LEU A 225 -5.79 25.98 -12.83
N LEU A 226 -5.94 27.12 -12.18
CA LEU A 226 -5.87 28.38 -12.91
C LEU A 226 -4.46 28.65 -13.42
N THR A 227 -3.49 27.95 -12.86
CA THR A 227 -2.09 28.18 -13.24
C THR A 227 -1.73 27.36 -14.48
N LEU A 228 -2.62 26.44 -14.86
CA LEU A 228 -2.33 25.50 -15.95
C LEU A 228 -2.98 25.92 -17.26
N SER A 229 -2.18 25.92 -18.33
CA SER A 229 -2.68 26.16 -19.67
C SER A 229 -3.44 24.95 -20.19
N GLN A 230 -4.24 25.16 -21.24
CA GLN A 230 -4.95 24.06 -21.89
C GLN A 230 -3.94 23.12 -22.56
N PRO A 231 -3.98 21.81 -22.23
CA PRO A 231 -2.99 20.85 -22.76
C PRO A 231 -3.00 20.77 -24.26
N LEU A 232 -1.81 20.64 -24.82
CA LEU A 232 -1.62 20.29 -26.22
C LEU A 232 -1.12 18.86 -26.34
N LEU A 233 -1.77 18.09 -27.21
CA LEU A 233 -1.36 16.71 -27.46
C LEU A 233 -0.13 16.71 -28.33
N LEU A 234 0.94 16.07 -27.86
CA LEU A 234 2.18 15.96 -28.64
C LEU A 234 2.17 14.73 -29.55
N GLY A 235 1.55 13.65 -29.09
CA GLY A 235 1.54 12.41 -29.83
C GLY A 235 1.24 11.25 -28.91
N ILE A 236 1.51 10.04 -29.37
CA ILE A 236 1.19 8.82 -28.64
C ILE A 236 2.37 7.86 -28.76
N ALA A 237 2.85 7.38 -27.61
CA ALA A 237 3.99 6.48 -27.58
C ALA A 237 3.58 5.14 -27.01
N ARG A 238 4.33 4.10 -27.38
CA ARG A 238 4.11 2.75 -26.91
C ARG A 238 5.15 2.39 -25.88
N ASN A 239 4.72 1.64 -24.87
CA ASN A 239 5.61 1.13 -23.84
C ASN A 239 5.88 -0.34 -24.16
N GLU A 240 7.08 -0.64 -24.64
CA GLU A 240 7.38 -2.01 -25.10
C GLU A 240 7.55 -3.03 -23.98
N THR A 241 7.83 -2.59 -22.74
CA THR A 241 7.86 -3.54 -21.62
C THR A 241 6.45 -4.02 -21.25
N SER A 242 5.46 -3.16 -21.46
CA SER A 242 4.04 -3.46 -21.27
C SER A 242 3.39 -4.00 -22.55
N ALA A 243 4.25 -4.52 -23.44
CA ALA A 243 3.86 -5.13 -24.69
C ALA A 243 3.15 -4.15 -25.64
N GLY A 244 3.65 -2.93 -25.67
CA GLY A 244 3.21 -1.94 -26.64
C GLY A 244 2.06 -1.05 -26.21
N ARG A 245 1.65 -1.15 -24.96
CA ARG A 245 0.58 -0.31 -24.44
C ARG A 245 0.90 1.15 -24.71
N ALA A 246 -0.12 1.90 -25.12
CA ALA A 246 0.10 3.26 -25.60
C ALA A 246 -0.37 4.30 -24.59
N SER A 247 0.32 5.44 -24.58
CA SER A 247 -0.08 6.59 -23.76
C SER A 247 -0.06 7.86 -24.60
N ALA A 248 -1.05 8.70 -24.34
CA ALA A 248 -1.10 10.02 -24.94
C ALA A 248 -0.25 10.95 -24.11
N GLU A 249 0.56 11.76 -24.79
CA GLU A 249 1.49 12.64 -24.09
C GLU A 249 1.18 14.09 -24.43
N PHE A 250 0.97 14.88 -23.39
CA PHE A 250 0.52 16.27 -23.54
C PHE A 250 1.58 17.27 -23.12
N TYR A 251 1.53 18.45 -23.70
CA TYR A 251 2.31 19.58 -23.20
C TYR A 251 1.43 20.55 -22.43
N VAL A 252 1.88 20.90 -21.23
CA VAL A 252 1.17 21.80 -20.34
C VAL A 252 2.16 22.76 -19.69
N GLN A 253 1.81 24.04 -19.68
CA GLN A 253 2.60 25.09 -19.03
C GLN A 253 1.98 25.54 -17.72
N CYS A 254 2.83 25.85 -16.76
CA CYS A 254 2.39 26.34 -15.46
C CYS A 254 2.92 27.77 -15.30
N SER A 255 2.14 28.61 -14.64
CA SER A 255 2.51 30.01 -14.46
C SER A 255 3.44 30.15 -13.26
N LEU A 256 3.39 29.19 -12.34
CA LEU A 256 4.28 29.16 -11.19
C LEU A 256 5.71 28.75 -11.58
N THR A 257 6.66 29.12 -10.73
CA THR A 257 8.05 28.74 -10.92
C THR A 257 8.36 27.43 -10.21
N SER A 258 9.51 26.86 -10.54
CA SER A 258 9.94 25.60 -9.98
C SER A 258 9.88 25.66 -8.46
N GLU A 259 10.34 26.78 -7.88
CA GLU A 259 10.35 26.93 -6.42
C GLU A 259 8.94 26.87 -5.85
N GLN A 260 8.03 27.65 -6.43
CA GLN A 260 6.64 27.67 -5.96
C GLN A 260 5.96 26.31 -6.13
N VAL A 261 6.25 25.64 -7.24
CA VAL A 261 5.72 24.31 -7.48
C VAL A 261 6.22 23.33 -6.42
N ARG A 262 7.49 23.45 -6.03
CA ARG A 262 8.03 22.57 -4.99
C ARG A 262 7.33 22.80 -3.65
N LYS A 263 7.05 24.06 -3.33
CA LYS A 263 6.35 24.40 -2.08
C LYS A 263 4.96 23.76 -2.03
N HIS A 264 4.21 23.91 -3.11
CA HIS A 264 2.86 23.32 -3.20
C HIS A 264 2.89 21.82 -3.00
N TYR A 265 3.87 21.18 -3.64
CA TYR A 265 4.03 19.73 -3.52
C TYR A 265 4.37 19.32 -2.10
N LEU A 266 5.11 20.15 -1.39
CA LEU A 266 5.58 19.79 -0.05
C LEU A 266 4.55 19.96 1.09
N SER A 267 3.50 20.75 0.88
CA SER A 267 2.50 20.97 1.92
C SER A 267 1.72 19.69 2.23
N GLY A 268 1.66 19.37 3.52
CA GLY A 268 0.98 18.17 4.00
C GLY A 268 1.93 17.08 4.44
N GLY A 269 3.22 17.26 4.16
CA GLY A 269 4.23 16.26 4.49
C GLY A 269 4.39 15.19 3.41
N PRO A 270 5.34 14.27 3.60
CA PRO A 270 5.64 13.20 2.65
C PRO A 270 4.44 12.27 2.36
N GLU A 271 3.49 12.24 3.28
CA GLU A 271 2.29 11.40 3.13
C GLU A 271 1.13 12.17 2.51
N ALA A 272 1.38 13.39 2.06
CA ALA A 272 0.36 14.15 1.34
C ALA A 272 0.08 13.50 -0.02
N HIS A 273 1.09 12.82 -0.56
CA HIS A 273 0.95 12.15 -1.85
C HIS A 273 1.61 10.79 -1.80
N GLU A 274 1.27 9.95 -2.76
CA GLU A 274 1.86 8.62 -2.84
C GLU A 274 3.19 8.65 -3.61
N SER A 275 3.40 9.69 -4.41
CA SER A 275 4.71 9.87 -5.02
C SER A 275 5.72 10.15 -3.91
N THR A 276 6.98 9.78 -4.16
CA THR A 276 8.03 9.87 -3.14
C THR A 276 9.05 11.00 -3.38
N GLY A 277 8.78 11.88 -4.35
CA GLY A 277 9.60 13.05 -4.55
C GLY A 277 9.32 13.76 -5.87
N ILE A 278 9.67 15.05 -5.92
CA ILE A 278 9.50 15.89 -7.10
C ILE A 278 10.86 16.39 -7.54
N PHE A 279 11.08 16.46 -8.85
CA PHE A 279 12.39 16.76 -9.39
C PHE A 279 12.25 17.66 -10.61
N PHE A 280 13.25 18.51 -10.82
CA PHE A 280 13.22 19.48 -11.91
C PHE A 280 14.43 19.38 -12.82
N VAL A 281 14.20 19.58 -14.12
CA VAL A 281 15.28 19.57 -15.11
C VAL A 281 15.04 20.67 -16.11
N GLU A 282 16.09 21.42 -16.42
CA GLU A 282 16.05 22.50 -17.39
C GLU A 282 15.63 21.97 -18.76
N THR A 283 14.75 22.70 -19.44
CA THR A 283 14.28 22.26 -20.77
C THR A 283 15.44 22.09 -21.75
N GLN A 284 16.46 22.93 -21.65
CA GLN A 284 17.68 22.77 -22.44
C GLN A 284 18.39 21.44 -22.21
N ASN A 285 18.27 20.92 -21.00
CA ASN A 285 18.84 19.62 -20.71
C ASN A 285 17.94 18.50 -21.17
N VAL A 286 16.64 18.80 -21.28
CA VAL A 286 15.66 17.77 -21.66
C VAL A 286 16.02 17.25 -23.06
N GLN A 287 16.49 18.16 -23.92
CA GLN A 287 16.85 17.81 -25.30
C GLN A 287 17.93 16.74 -25.36
N ARG A 288 18.88 16.86 -24.43
CA ARG A 288 20.00 15.94 -24.29
C ARG A 288 19.77 14.91 -23.18
N LEU A 289 18.56 14.93 -22.61
CA LEU A 289 18.27 14.26 -21.32
C LEU A 289 18.73 12.81 -21.25
N LEU A 290 18.75 12.15 -22.39
CA LEU A 290 19.07 10.73 -22.39
C LEU A 290 20.56 10.41 -22.65
N GLU A 291 21.42 11.44 -22.62
CA GLU A 291 22.86 11.24 -22.47
C GLU A 291 23.30 11.37 -21.01
N THR A 292 22.33 11.39 -20.10
CA THR A 292 22.54 11.66 -18.68
C THR A 292 22.12 10.44 -17.91
N GLU A 293 22.62 10.32 -16.70
CA GLU A 293 22.29 9.21 -15.82
C GLU A 293 20.84 9.30 -15.33
N MET A 294 20.22 10.45 -15.54
CA MET A 294 18.81 10.61 -15.20
C MET A 294 17.96 9.66 -16.05
N TRP A 295 18.37 9.45 -17.30
CA TRP A 295 17.65 8.58 -18.21
C TRP A 295 17.37 7.19 -17.65
N ALA A 296 18.31 6.70 -16.84
CA ALA A 296 18.24 5.33 -16.32
C ALA A 296 17.33 5.25 -15.10
N GLU A 297 16.93 6.40 -14.57
CA GLU A 297 15.95 6.47 -13.50
C GLU A 297 14.49 6.51 -14.01
N LEU A 298 14.31 6.65 -15.32
CA LEU A 298 12.99 6.91 -15.89
C LEU A 298 12.25 5.65 -16.29
N CYS A 299 10.96 5.61 -15.99
CA CYS A 299 10.13 4.54 -16.52
C CYS A 299 9.88 4.80 -18.01
N PRO A 300 9.47 3.74 -18.74
CA PRO A 300 9.20 3.86 -20.18
C PRO A 300 8.20 4.95 -20.57
N SER A 301 7.14 5.14 -19.80
CA SER A 301 6.14 6.12 -20.20
C SER A 301 6.72 7.54 -20.09
N ALA A 302 7.57 7.79 -19.11
CA ALA A 302 8.22 9.08 -18.97
C ALA A 302 9.22 9.30 -20.10
N LYS A 303 9.87 8.22 -20.52
CA LYS A 303 10.73 8.28 -21.70
C LYS A 303 9.92 8.66 -22.95
N GLY A 304 8.71 8.12 -23.07
CA GLY A 304 7.85 8.45 -24.19
C GLY A 304 7.54 9.94 -24.21
N ALA A 305 7.21 10.51 -23.05
CA ALA A 305 6.80 11.90 -22.98
C ALA A 305 7.93 12.85 -23.34
N ILE A 306 9.16 12.45 -23.01
CA ILE A 306 10.33 13.28 -23.26
C ILE A 306 10.68 13.20 -24.73
N ILE A 307 10.64 12.00 -25.28
CA ILE A 307 10.98 11.84 -26.69
C ILE A 307 10.01 12.62 -27.57
N LEU A 308 8.72 12.64 -27.21
CA LEU A 308 7.73 13.39 -28.01
C LEU A 308 7.86 14.89 -27.78
N TYR A 309 8.19 15.30 -26.56
CA TYR A 309 8.36 16.68 -26.24
C TYR A 309 9.51 17.26 -27.04
N ASN A 310 10.64 16.58 -27.00
CA ASN A 310 11.78 17.02 -27.74
C ASN A 310 11.51 17.13 -29.22
N ARG A 311 10.77 16.19 -29.77
CA ARG A 311 10.47 16.16 -31.18
C ARG A 311 9.40 17.11 -31.67
N VAL A 312 8.38 17.31 -30.86
CA VAL A 312 7.28 18.15 -31.24
C VAL A 312 7.39 19.54 -30.73
N GLN A 313 8.11 19.75 -29.65
CA GLN A 313 8.20 21.07 -29.06
C GLN A 313 9.46 21.90 -29.25
N GLY A 314 10.35 21.38 -30.08
CA GLY A 314 11.63 21.97 -30.41
C GLY A 314 12.19 21.21 -31.59
N VAL B 25 3.25 9.88 19.42
CA VAL B 25 1.98 10.29 20.09
C VAL B 25 1.90 9.77 21.52
N GLN B 26 2.11 10.67 22.48
CA GLN B 26 2.14 10.29 23.88
C GLN B 26 0.73 10.26 24.46
N THR B 27 0.44 9.18 25.17
CA THR B 27 -0.81 9.05 25.90
C THR B 27 -0.56 9.16 27.39
N MET B 28 -1.64 9.03 28.14
CA MET B 28 -1.62 9.10 29.58
C MET B 28 -1.05 7.78 30.02
N ASP B 29 -0.87 7.61 31.32
CA ASP B 29 -0.27 6.39 31.83
C ASP B 29 1.07 6.17 31.11
N PRO B 30 2.14 6.74 31.67
CA PRO B 30 3.45 6.79 31.01
C PRO B 30 4.02 5.41 30.65
N GLU B 31 3.45 4.36 31.21
CA GLU B 31 3.80 3.01 30.81
C GLU B 31 3.54 2.78 29.33
N VAL B 32 2.57 3.51 28.79
CA VAL B 32 2.11 3.29 27.42
C VAL B 32 2.24 4.50 26.50
N THR B 33 2.78 4.26 25.31
CA THR B 33 2.81 5.26 24.24
C THR B 33 2.30 4.62 22.93
N LEU B 34 1.75 5.46 22.05
CA LEU B 34 1.20 4.99 20.78
C LEU B 34 2.09 5.29 19.57
N LEU B 35 2.59 4.22 18.95
CA LEU B 35 3.45 4.33 17.77
C LEU B 35 2.59 4.54 16.55
N LEU B 36 1.44 3.88 16.56
CA LEU B 36 0.52 3.93 15.44
C LEU B 36 -0.91 3.89 15.94
N GLN B 37 -1.71 4.78 15.38
CA GLN B 37 -3.13 4.78 15.59
C GLN B 37 -3.81 4.74 14.21
N CYS B 38 -4.57 3.69 13.93
CA CYS B 38 -5.23 3.56 12.64
C CYS B 38 -6.44 4.48 12.61
N PRO B 39 -6.97 4.75 11.41
CA PRO B 39 -8.18 5.57 11.32
C PRO B 39 -9.37 4.85 11.92
N GLY B 40 -10.46 5.57 12.14
CA GLY B 40 -11.65 4.98 12.75
C GLY B 40 -12.09 3.68 12.10
N GLY B 41 -12.45 2.70 12.94
CA GLY B 41 -12.94 1.43 12.43
C GLY B 41 -11.85 0.39 12.34
N GLY B 42 -10.58 0.82 12.36
CA GLY B 42 -9.46 -0.10 12.28
C GLY B 42 -9.19 -0.41 10.82
N LEU B 43 -8.13 -1.19 10.57
CA LEU B 43 -7.76 -1.57 9.21
C LEU B 43 -7.79 -3.07 9.04
N PRO B 44 -8.39 -3.56 7.93
CA PRO B 44 -8.35 -4.98 7.56
C PRO B 44 -7.05 -5.40 6.89
N GLN B 45 -6.76 -6.69 6.97
CA GLN B 45 -5.56 -7.32 6.43
C GLN B 45 -5.22 -6.90 4.98
N GLU B 46 -6.26 -6.73 4.17
CA GLU B 46 -6.16 -6.42 2.73
C GLU B 46 -5.65 -5.02 2.44
N GLN B 47 -5.69 -4.15 3.44
N GLN B 47 -5.69 -4.16 3.45
CA GLN B 47 -5.20 -2.79 3.27
CA GLN B 47 -5.24 -2.78 3.31
C GLN B 47 -3.84 -2.59 3.91
C GLN B 47 -3.84 -2.60 3.89
N ILE B 48 -3.19 -3.70 4.26
CA ILE B 48 -1.88 -3.61 4.94
C ILE B 48 -0.79 -4.36 4.17
N GLN B 49 0.34 -3.69 3.99
CA GLN B 49 1.53 -4.32 3.41
C GLN B 49 2.64 -4.39 4.46
N ALA B 50 3.52 -5.37 4.29
CA ALA B 50 4.69 -5.49 5.14
C ALA B 50 5.95 -5.56 4.30
N GLU B 51 7.02 -5.01 4.83
CA GLU B 51 8.35 -5.11 4.23
C GLU B 51 9.30 -5.74 5.25
N LEU B 52 9.77 -6.96 4.94
CA LEU B 52 10.62 -7.71 5.85
C LEU B 52 12.06 -7.74 5.36
N SER B 53 12.95 -7.04 6.06
CA SER B 53 14.30 -6.80 5.54
C SER B 53 15.37 -6.70 6.63
N PRO B 54 16.57 -7.24 6.35
CA PRO B 54 17.72 -7.13 7.25
C PRO B 54 18.00 -5.69 7.68
N ALA B 55 17.55 -4.73 6.89
CA ALA B 55 17.80 -3.33 7.18
C ALA B 55 16.96 -2.85 8.37
N HIS B 56 15.98 -3.67 8.73
CA HIS B 56 15.04 -3.38 9.82
C HIS B 56 15.48 -4.06 11.13
N ASP B 57 16.53 -4.88 11.07
CA ASP B 57 17.07 -5.59 12.22
C ASP B 57 17.61 -4.62 13.27
N ARG B 58 17.86 -5.14 14.47
CA ARG B 58 18.56 -4.40 15.52
C ARG B 58 19.99 -4.11 15.07
N ARG B 59 20.55 -2.99 15.53
CA ARG B 59 21.96 -2.73 15.27
C ARG B 59 22.85 -3.40 16.33
N PRO B 60 23.99 -4.02 15.91
CA PRO B 60 24.95 -4.60 16.86
C PRO B 60 25.30 -3.62 17.96
N LEU B 61 25.30 -4.09 19.20
CA LEU B 61 25.53 -3.25 20.36
C LEU B 61 26.91 -2.58 20.31
N PRO B 62 27.04 -1.39 20.94
CA PRO B 62 28.30 -0.69 21.21
C PRO B 62 28.92 -1.13 22.55
N GLY B 63 29.74 -2.17 22.60
CA GLY B 63 30.18 -2.92 21.43
C GLY B 63 30.18 -4.43 21.62
N GLY B 64 29.82 -5.15 20.57
CA GLY B 64 29.90 -6.60 20.55
C GLY B 64 28.61 -7.17 21.08
N ASP B 65 28.13 -8.24 20.44
CA ASP B 65 26.85 -8.84 20.84
C ASP B 65 27.06 -9.94 21.90
N GLU B 66 28.30 -10.22 22.27
CA GLU B 66 28.57 -11.26 23.27
C GLU B 66 28.08 -10.80 24.65
N ALA B 67 27.87 -9.50 24.81
CA ALA B 67 27.17 -9.03 25.99
C ALA B 67 25.78 -9.69 26.09
N ILE B 68 25.10 -9.86 24.95
CA ILE B 68 23.85 -10.60 24.93
C ILE B 68 24.06 -12.07 25.34
N THR B 69 25.14 -12.65 24.81
CA THR B 69 25.49 -14.04 25.12
C THR B 69 25.80 -14.25 26.60
N ALA B 70 26.44 -13.27 27.23
CA ALA B 70 26.74 -13.31 28.65
C ALA B 70 25.46 -13.35 29.48
N ILE B 71 24.52 -12.48 29.15
CA ILE B 71 23.26 -12.43 29.89
C ILE B 71 22.48 -13.72 29.70
N TRP B 72 22.49 -14.23 28.48
CA TRP B 72 21.73 -15.41 28.18
C TRP B 72 22.28 -16.58 28.98
N GLU B 73 23.60 -16.61 29.16
CA GLU B 73 24.24 -17.73 29.86
C GLU B 73 24.12 -17.52 31.39
N THR B 74 24.05 -16.28 31.84
CA THR B 74 23.82 -16.01 33.27
C THR B 74 22.41 -16.43 33.63
N ARG B 75 21.42 -15.99 32.86
CA ARG B 75 20.13 -16.67 32.91
C ARG B 75 20.45 -18.02 32.32
N LEU B 76 19.58 -19.02 32.46
CA LEU B 76 19.83 -20.34 31.86
C LEU B 76 20.80 -21.14 32.74
N LYS B 77 21.60 -20.44 33.54
CA LYS B 77 22.29 -21.08 34.64
C LYS B 77 21.23 -21.30 35.72
N ALA B 78 20.41 -20.28 35.94
CA ALA B 78 19.31 -20.38 36.90
C ALA B 78 18.13 -21.17 36.33
N GLN B 79 17.93 -21.10 35.01
CA GLN B 79 16.80 -21.76 34.35
C GLN B 79 17.24 -22.48 33.07
N PRO B 80 17.91 -23.63 33.21
CA PRO B 80 18.53 -24.37 32.10
C PRO B 80 17.59 -24.76 30.97
N TRP B 81 16.29 -24.65 31.22
CA TRP B 81 15.27 -25.09 30.25
C TRP B 81 14.84 -24.00 29.27
N LEU B 82 15.31 -22.78 29.50
CA LEU B 82 14.93 -21.66 28.65
C LEU B 82 15.30 -21.94 27.21
N PHE B 83 14.38 -21.67 26.29
CA PHE B 83 14.66 -21.82 24.86
C PHE B 83 14.52 -20.50 24.09
N ASP B 84 15.39 -20.32 23.10
CA ASP B 84 15.40 -19.13 22.26
C ASP B 84 14.52 -19.31 21.04
N ALA B 85 13.51 -18.46 20.90
CA ALA B 85 12.61 -18.50 19.74
C ALA B 85 12.71 -17.23 18.88
N PRO B 86 12.67 -17.39 17.54
CA PRO B 86 12.69 -16.24 16.61
C PRO B 86 11.40 -15.42 16.67
N LYS B 87 11.54 -14.10 16.51
CA LYS B 87 10.38 -13.19 16.54
C LYS B 87 10.46 -12.20 15.41
N PHE B 88 9.33 -11.61 15.02
CA PHE B 88 9.35 -10.47 14.11
C PHE B 88 9.80 -9.26 14.92
N ARG B 89 10.56 -8.37 14.29
CA ARG B 89 10.97 -7.11 14.90
C ARG B 89 10.23 -5.96 14.24
N LEU B 90 9.66 -5.06 15.04
CA LEU B 90 9.08 -3.86 14.48
C LEU B 90 10.12 -2.76 14.40
N HIS B 91 10.36 -2.29 13.18
CA HIS B 91 11.21 -1.12 12.95
C HIS B 91 10.36 0.15 12.91
N SER B 92 9.35 0.17 12.05
CA SER B 92 8.47 1.33 11.92
C SER B 92 7.21 1.02 11.11
N ALA B 93 6.21 1.89 11.26
CA ALA B 93 4.94 1.79 10.56
C ALA B 93 4.55 3.13 9.94
N THR B 94 4.03 3.10 8.72
CA THR B 94 3.67 4.32 8.03
C THR B 94 2.27 4.25 7.44
N LEU B 95 1.40 5.13 7.91
CA LEU B 95 0.09 5.33 7.30
C LEU B 95 0.21 6.03 5.96
N ALA B 96 -0.48 5.51 4.97
CA ALA B 96 -0.45 6.08 3.63
C ALA B 96 -1.32 7.31 3.59
N PRO B 97 -1.25 8.08 2.48
CA PRO B 97 -2.18 9.20 2.28
C PRO B 97 -3.64 8.79 2.41
N ILE B 98 -4.44 9.60 3.10
CA ILE B 98 -5.83 9.24 3.39
C ILE B 98 -6.64 8.96 2.11
N GLY B 99 -7.24 7.77 2.05
CA GLY B 99 -8.02 7.37 0.89
C GLY B 99 -7.19 7.31 -0.38
N SER B 100 -6.11 6.54 -0.34
CA SER B 100 -5.19 6.42 -1.49
C SER B 100 -5.35 5.08 -2.20
N ARG B 101 -4.68 4.93 -3.34
CA ARG B 101 -4.88 3.75 -4.19
C ARG B 101 -4.00 2.56 -3.81
N GLY B 102 -3.03 2.78 -2.93
CA GLY B 102 -2.16 1.72 -2.47
C GLY B 102 -2.58 1.20 -1.10
N PRO B 103 -1.74 0.38 -0.45
CA PRO B 103 -2.05 -0.05 0.92
C PRO B 103 -2.17 1.16 1.84
N GLN B 104 -3.00 1.08 2.87
CA GLN B 104 -3.18 2.19 3.79
C GLN B 104 -2.12 2.21 4.88
N LEU B 105 -1.41 1.09 5.04
CA LEU B 105 -0.38 0.96 6.07
C LEU B 105 0.79 0.14 5.55
N LEU B 106 2.00 0.62 5.82
CA LEU B 106 3.22 -0.16 5.57
C LEU B 106 3.97 -0.44 6.87
N LEU B 107 4.17 -1.73 7.17
CA LEU B 107 4.96 -2.18 8.32
C LEU B 107 6.38 -2.58 7.89
N ARG B 108 7.39 -1.98 8.50
CA ARG B 108 8.76 -2.35 8.22
C ARG B 108 9.25 -3.26 9.33
N LEU B 109 9.61 -4.48 8.99
CA LEU B 109 9.90 -5.49 10.00
C LEU B 109 11.25 -6.14 9.78
N GLY B 110 11.92 -6.48 10.88
CA GLY B 110 13.15 -7.25 10.83
C GLY B 110 12.95 -8.57 11.53
N LEU B 111 14.06 -9.20 11.89
CA LEU B 111 14.06 -10.43 12.65
C LEU B 111 14.85 -10.20 13.91
N THR B 112 14.39 -10.83 14.99
CA THR B 112 15.06 -10.77 16.28
C THR B 112 14.73 -12.10 16.99
N SER B 113 14.96 -12.16 18.29
CA SER B 113 14.75 -13.40 19.05
C SER B 113 14.55 -13.13 20.52
N TYR B 114 14.03 -14.13 21.22
CA TYR B 114 13.83 -14.08 22.67
C TYR B 114 15.17 -13.83 23.39
N ARG B 115 16.22 -14.48 22.92
CA ARG B 115 17.57 -14.30 23.47
C ARG B 115 18.03 -12.85 23.36
N ASP B 116 17.85 -12.25 22.18
CA ASP B 116 18.23 -10.85 22.02
C ASP B 116 17.34 -9.93 22.85
N PHE B 117 16.05 -10.29 22.99
CA PHE B 117 15.14 -9.51 23.81
C PHE B 117 15.57 -9.48 25.30
N LEU B 118 15.91 -10.64 25.84
CA LEU B 118 16.44 -10.71 27.21
C LEU B 118 17.75 -9.95 27.34
N GLY B 119 18.55 -9.99 26.29
CA GLY B 119 19.85 -9.34 26.35
C GLY B 119 19.86 -7.84 26.12
N THR B 120 18.71 -7.27 25.73
CA THR B 120 18.66 -5.85 25.39
C THR B 120 17.48 -5.14 26.07
N ASN B 121 16.28 -5.31 25.52
CA ASN B 121 15.08 -4.74 26.12
C ASN B 121 14.94 -4.97 27.63
N TRP B 122 15.19 -6.19 28.08
CA TRP B 122 15.02 -6.54 29.49
C TRP B 122 16.33 -6.55 30.27
N SER B 123 17.45 -6.25 29.61
CA SER B 123 18.72 -6.21 30.32
C SER B 123 18.77 -4.99 31.23
N SER B 124 19.63 -5.06 32.24
CA SER B 124 19.84 -3.94 33.15
C SER B 124 20.31 -2.70 32.39
N SER B 125 21.14 -2.93 31.38
CA SER B 125 21.78 -1.84 30.63
C SER B 125 20.89 -1.29 29.54
N ALA B 126 19.62 -1.72 29.51
CA ALA B 126 18.66 -1.26 28.50
C ALA B 126 18.61 0.26 28.41
N ALA B 127 18.73 0.93 29.55
CA ALA B 127 18.72 2.39 29.57
C ALA B 127 19.96 2.92 28.83
N TRP B 128 21.10 2.24 28.99
CA TRP B 128 22.34 2.63 28.31
C TRP B 128 22.18 2.42 26.80
N LEU B 129 21.41 1.40 26.42
CA LEU B 129 21.30 1.04 25.01
C LEU B 129 20.42 2.03 24.25
N ARG B 130 19.43 2.61 24.90
CA ARG B 130 18.55 3.52 24.18
C ARG B 130 19.26 4.86 23.94
N GLN B 131 20.02 5.31 24.92
CA GLN B 131 20.72 6.59 24.81
C GLN B 131 21.81 6.51 23.73
N GLN B 132 22.64 5.48 23.81
CA GLN B 132 23.66 5.24 22.79
C GLN B 132 23.05 5.04 21.41
N GLY B 133 21.83 4.48 21.38
CA GLY B 133 21.10 4.25 20.15
C GLY B 133 20.58 5.52 19.48
N ALA B 134 19.98 6.40 20.28
CA ALA B 134 19.47 7.65 19.74
C ALA B 134 20.62 8.60 19.43
N THR B 135 21.74 8.41 20.12
CA THR B 135 22.93 9.17 19.85
C THR B 135 23.43 8.77 18.46
N ASP B 136 23.75 7.49 18.31
CA ASP B 136 24.43 6.98 17.11
C ASP B 136 23.56 6.95 15.85
N TRP B 137 22.37 6.38 15.98
CA TRP B 137 21.49 6.15 14.84
C TRP B 137 20.27 7.07 14.85
N GLY B 138 20.22 7.96 15.83
CA GLY B 138 19.07 8.83 15.96
C GLY B 138 17.79 8.08 16.23
N ASP B 139 17.91 6.84 16.73
CA ASP B 139 16.75 6.04 17.13
C ASP B 139 17.02 5.25 18.40
N THR B 140 16.24 5.51 19.43
CA THR B 140 16.38 4.84 20.72
C THR B 140 16.30 3.33 20.63
N GLN B 141 15.60 2.82 19.62
CA GLN B 141 15.31 1.40 19.52
C GLN B 141 16.37 0.72 18.71
N ALA B 142 17.35 1.49 18.25
CA ALA B 142 18.31 0.98 17.30
C ALA B 142 19.07 -0.24 17.82
N TYR B 143 19.42 -0.23 19.11
CA TYR B 143 20.11 -1.35 19.75
C TYR B 143 19.19 -2.32 20.54
N LEU B 144 17.87 -2.20 20.36
CA LEU B 144 16.92 -3.06 21.07
C LEU B 144 16.27 -4.06 20.11
N ALA B 145 16.05 -5.27 20.60
CA ALA B 145 15.46 -6.37 19.83
C ALA B 145 14.05 -6.04 19.32
N ASP B 146 13.27 -5.38 20.17
CA ASP B 146 11.89 -4.95 19.88
C ASP B 146 11.04 -6.00 19.15
N PRO B 147 10.84 -7.16 19.79
CA PRO B 147 9.92 -8.14 19.20
C PRO B 147 8.50 -7.62 19.18
N LEU B 148 7.80 -7.87 18.07
CA LEU B 148 6.45 -7.39 17.90
C LEU B 148 5.49 -8.38 18.55
N GLY B 149 4.80 -7.93 19.59
CA GLY B 149 3.74 -8.72 20.20
C GLY B 149 2.39 -8.44 19.54
N VAL B 150 1.41 -9.29 19.82
CA VAL B 150 0.04 -9.09 19.35
C VAL B 150 -0.95 -9.22 20.50
N GLY B 151 -2.00 -8.42 20.45
CA GLY B 151 -3.04 -8.43 21.48
C GLY B 151 -4.38 -8.13 20.84
N ALA B 152 -5.48 -8.43 21.54
CA ALA B 152 -6.82 -8.32 20.94
C ALA B 152 -7.86 -7.78 21.91
N ALA B 153 -8.61 -6.77 21.47
CA ALA B 153 -9.87 -6.42 22.12
C ALA B 153 -10.92 -7.38 21.56
N LEU B 154 -11.21 -8.42 22.34
CA LEU B 154 -12.13 -9.47 21.92
C LEU B 154 -13.50 -9.12 22.45
N ALA B 155 -14.42 -8.74 21.55
CA ALA B 155 -15.75 -8.31 21.94
C ALA B 155 -16.79 -9.43 21.79
N THR B 156 -17.66 -9.57 22.78
CA THR B 156 -18.67 -10.63 22.77
C THR B 156 -19.97 -10.16 22.10
N ALA B 157 -20.79 -11.10 21.64
CA ALA B 157 -22.03 -10.77 20.94
C ALA B 157 -22.99 -9.91 21.78
N ASP B 158 -22.89 -10.01 23.11
CA ASP B 158 -23.66 -9.18 24.04
C ASP B 158 -22.85 -7.98 24.55
N ASP B 159 -21.79 -7.62 23.81
CA ASP B 159 -21.04 -6.38 24.01
C ASP B 159 -20.25 -6.28 25.33
N PHE B 160 -19.37 -7.26 25.53
CA PHE B 160 -18.38 -7.21 26.60
C PHE B 160 -16.99 -7.35 25.98
N LEU B 161 -15.95 -6.91 26.69
CA LEU B 161 -14.59 -7.22 26.30
C LEU B 161 -14.09 -8.32 27.22
N VAL B 162 -13.39 -9.28 26.65
CA VAL B 162 -12.83 -10.39 27.41
C VAL B 162 -11.45 -10.06 28.01
N PHE B 163 -11.25 -10.41 29.28
CA PHE B 163 -9.99 -10.21 29.96
C PHE B 163 -9.55 -11.52 30.58
N LEU B 164 -8.23 -11.69 30.74
CA LEU B 164 -7.62 -12.90 31.30
C LEU B 164 -6.64 -12.62 32.43
N ARG B 165 -6.74 -13.38 33.53
CA ARG B 165 -5.83 -13.21 34.66
C ARG B 165 -4.57 -14.00 34.41
N ARG B 166 -3.43 -13.31 34.37
CA ARG B 166 -2.18 -14.00 34.07
C ARG B 166 -1.82 -14.90 35.25
N SER B 167 -1.24 -16.06 34.97
CA SER B 167 -0.74 -16.94 36.03
C SER B 167 0.46 -16.28 36.72
N ARG B 168 0.69 -16.64 37.98
CA ARG B 168 1.75 -16.00 38.75
C ARG B 168 3.13 -16.62 38.50
N GLN B 169 3.18 -17.63 37.62
CA GLN B 169 4.42 -18.34 37.32
C GLN B 169 5.27 -17.62 36.26
N VAL B 170 4.74 -16.54 35.70
CA VAL B 170 5.41 -15.81 34.63
C VAL B 170 6.24 -14.65 35.21
N ALA B 171 7.40 -14.41 34.62
CA ALA B 171 8.27 -13.34 35.09
C ALA B 171 7.77 -11.98 34.62
N GLU B 172 7.04 -11.97 33.50
CA GLU B 172 6.56 -10.72 32.90
C GLU B 172 5.10 -10.46 33.26
N ALA B 173 4.87 -9.38 34.00
CA ALA B 173 3.52 -8.96 34.38
C ALA B 173 2.76 -10.05 35.15
N PRO B 174 3.41 -10.63 36.17
CA PRO B 174 2.84 -11.76 36.93
C PRO B 174 1.54 -11.42 37.64
N GLY B 175 0.54 -12.27 37.49
CA GLY B 175 -0.71 -12.11 38.21
C GLY B 175 -1.58 -10.95 37.76
N LEU B 176 -1.12 -10.18 36.78
CA LEU B 176 -1.88 -9.01 36.32
C LEU B 176 -2.96 -9.41 35.31
N VAL B 177 -3.82 -8.45 34.99
CA VAL B 177 -4.88 -8.67 34.00
C VAL B 177 -4.31 -8.44 32.61
N ASP B 178 -4.74 -9.27 31.65
CA ASP B 178 -4.25 -9.14 30.27
C ASP B 178 -5.43 -9.24 29.31
N VAL B 179 -5.12 -9.19 28.02
CA VAL B 179 -6.12 -9.45 26.97
C VAL B 179 -5.59 -10.65 26.23
N PRO B 180 -6.44 -11.32 25.44
CA PRO B 180 -5.88 -12.42 24.64
C PRO B 180 -4.69 -11.94 23.82
N GLY B 181 -3.61 -12.71 23.88
CA GLY B 181 -2.34 -12.28 23.35
C GLY B 181 -1.98 -12.99 22.09
N GLY B 182 -0.72 -13.35 22.03
CA GLY B 182 -0.16 -14.11 20.94
C GLY B 182 1.30 -13.73 20.77
N HIS B 183 1.88 -14.47 19.86
CA HIS B 183 3.26 -14.23 19.43
C HIS B 183 3.28 -14.87 18.07
N PRO B 184 3.11 -14.07 17.01
CA PRO B 184 3.56 -14.60 15.72
C PRO B 184 5.03 -15.05 15.78
N GLU B 185 5.37 -16.01 14.92
CA GLU B 185 6.74 -16.51 14.72
C GLU B 185 7.03 -16.66 13.21
N PRO B 186 8.20 -16.20 12.74
CA PRO B 186 8.66 -16.35 11.34
C PRO B 186 8.71 -17.80 10.85
N GLN B 187 8.43 -17.99 9.56
CA GLN B 187 8.40 -19.31 8.94
C GLN B 187 9.65 -19.52 8.08
N ASP B 199 7.15 -9.13 -2.35
CA ASP B 199 5.80 -8.61 -2.54
C ASP B 199 4.77 -9.52 -1.87
N LEU B 200 4.68 -10.76 -2.35
CA LEU B 200 3.83 -11.75 -1.72
C LEU B 200 4.43 -12.09 -0.35
N ALA B 201 5.75 -12.00 -0.24
CA ALA B 201 6.45 -12.27 1.01
C ALA B 201 5.92 -11.39 2.13
N GLY B 202 5.71 -10.12 1.83
CA GLY B 202 5.12 -9.20 2.78
C GLY B 202 3.70 -9.59 3.15
N GLN B 203 2.97 -10.21 2.23
CA GLN B 203 1.57 -10.58 2.49
C GLN B 203 1.46 -11.84 3.31
N LEU B 204 2.49 -12.68 3.23
CA LEU B 204 2.59 -13.85 4.09
C LEU B 204 2.83 -13.41 5.52
N VAL B 205 3.67 -12.41 5.68
CA VAL B 205 3.94 -11.87 7.01
C VAL B 205 2.69 -11.23 7.57
N VAL B 206 2.02 -10.39 6.78
CA VAL B 206 0.76 -9.75 7.20
C VAL B 206 -0.25 -10.81 7.62
N HIS B 207 -0.30 -11.89 6.84
CA HIS B 207 -1.22 -13.01 7.08
C HIS B 207 -0.85 -13.72 8.39
N GLU B 208 0.45 -13.97 8.59
CA GLU B 208 0.92 -14.62 9.80
C GLU B 208 0.53 -13.80 11.05
N LEU B 209 0.66 -12.47 10.99
CA LEU B 209 0.29 -11.62 12.12
C LEU B 209 -1.19 -11.73 12.47
N PHE B 210 -2.05 -11.56 11.47
CA PHE B 210 -3.50 -11.64 11.68
C PHE B 210 -3.94 -13.04 12.12
N SER B 211 -3.40 -14.09 11.48
CA SER B 211 -3.72 -15.45 11.88
C SER B 211 -3.31 -15.73 13.31
N SER B 212 -2.20 -15.14 13.76
CA SER B 212 -1.68 -15.45 15.08
C SER B 212 -2.61 -14.96 16.18
N VAL B 213 -3.38 -13.89 15.94
CA VAL B 213 -4.25 -13.43 17.02
C VAL B 213 -5.52 -14.32 17.11
N LEU B 214 -5.97 -14.83 15.97
CA LEU B 214 -7.07 -15.79 15.93
C LEU B 214 -6.63 -17.13 16.55
N GLN B 215 -5.44 -17.59 16.21
CA GLN B 215 -4.94 -18.85 16.72
C GLN B 215 -4.84 -18.80 18.25
N GLU B 216 -4.35 -17.69 18.78
CA GLU B 216 -4.24 -17.55 20.23
C GLU B 216 -5.59 -17.46 20.91
N ILE B 217 -6.56 -16.81 20.29
CA ILE B 217 -7.88 -16.74 20.91
C ILE B 217 -8.50 -18.13 20.99
N CYS B 218 -8.40 -18.90 19.91
CA CYS B 218 -8.89 -20.26 19.91
C CYS B 218 -8.17 -21.11 20.95
N ASP B 219 -6.85 -21.02 21.02
CA ASP B 219 -6.07 -21.85 21.93
C ASP B 219 -6.32 -21.48 23.39
N GLU B 220 -6.22 -20.19 23.71
CA GLU B 220 -6.24 -19.77 25.10
C GLU B 220 -7.65 -19.61 25.66
N VAL B 221 -8.57 -19.13 24.83
CA VAL B 221 -9.94 -18.93 25.26
C VAL B 221 -10.83 -20.12 24.88
N ASN B 222 -10.31 -21.00 24.04
CA ASN B 222 -10.97 -22.26 23.66
C ASN B 222 -12.21 -22.06 22.80
N LEU B 223 -12.18 -21.04 21.94
CA LEU B 223 -13.32 -20.72 21.09
C LEU B 223 -13.18 -21.37 19.72
N PRO B 224 -14.31 -21.84 19.14
CA PRO B 224 -14.25 -22.35 17.76
C PRO B 224 -13.96 -21.23 16.75
N LEU B 225 -13.13 -21.51 15.76
CA LEU B 225 -12.77 -20.48 14.79
C LEU B 225 -13.99 -19.90 14.07
N LEU B 226 -15.05 -20.70 13.95
CA LEU B 226 -16.27 -20.26 13.27
C LEU B 226 -16.90 -19.05 13.98
N THR B 227 -16.74 -18.98 15.30
CA THR B 227 -17.35 -17.91 16.10
C THR B 227 -16.60 -16.57 16.07
N LEU B 228 -15.46 -16.54 15.38
CA LEU B 228 -14.59 -15.34 15.33
C LEU B 228 -14.61 -14.59 14.01
N SER B 229 -14.72 -13.27 14.09
CA SER B 229 -14.66 -12.42 12.91
C SER B 229 -13.23 -12.19 12.46
N GLN B 230 -13.08 -11.70 11.22
CA GLN B 230 -11.78 -11.29 10.68
C GLN B 230 -11.22 -10.17 11.54
N PRO B 231 -9.96 -10.29 11.99
CA PRO B 231 -9.45 -9.23 12.86
C PRO B 231 -9.28 -7.89 12.12
N LEU B 232 -9.37 -6.80 12.87
CA LEU B 232 -9.12 -5.43 12.38
C LEU B 232 -7.97 -4.86 13.20
N LEU B 233 -6.94 -4.31 12.56
CA LEU B 233 -5.83 -3.69 13.31
C LEU B 233 -6.23 -2.30 13.80
N LEU B 234 -6.08 -2.07 15.10
CA LEU B 234 -6.46 -0.79 15.71
C LEU B 234 -5.25 0.14 15.80
N GLY B 235 -4.07 -0.43 15.98
CA GLY B 235 -2.84 0.35 16.09
C GLY B 235 -1.71 -0.40 16.76
N ILE B 236 -0.65 0.34 17.11
CA ILE B 236 0.53 -0.26 17.73
C ILE B 236 0.92 0.56 18.96
N ALA B 237 1.08 -0.12 20.09
CA ALA B 237 1.36 0.53 21.37
C ALA B 237 2.69 0.05 21.90
N ARG B 238 3.37 0.91 22.65
CA ARG B 238 4.70 0.60 23.15
C ARG B 238 4.62 0.47 24.66
N ASN B 239 5.18 -0.61 25.17
CA ASN B 239 5.32 -0.80 26.61
C ASN B 239 6.66 -0.22 27.09
N GLU B 240 6.59 0.88 27.85
CA GLU B 240 7.81 1.57 28.31
C GLU B 240 8.53 0.79 29.42
N THR B 241 7.80 -0.07 30.14
CA THR B 241 8.43 -0.91 31.16
C THR B 241 9.28 -2.00 30.49
N SER B 242 9.02 -2.24 29.21
CA SER B 242 9.81 -3.19 28.40
C SER B 242 10.79 -2.45 27.50
N ALA B 243 11.05 -1.19 27.83
CA ALA B 243 11.96 -0.34 27.05
C ALA B 243 11.42 -0.10 25.63
N GLY B 244 10.10 -0.10 25.50
CA GLY B 244 9.43 0.26 24.26
C GLY B 244 9.11 -0.86 23.26
N ARG B 245 9.02 -2.13 23.68
CA ARG B 245 8.56 -3.22 22.77
C ARG B 245 7.15 -2.87 22.37
N ALA B 246 6.92 -2.95 21.07
CA ALA B 246 5.63 -2.63 20.50
C ALA B 246 4.72 -3.86 20.51
N SER B 247 3.41 -3.65 20.59
CA SER B 247 2.41 -4.70 20.42
C SER B 247 1.35 -4.21 19.49
N ALA B 248 1.11 -4.96 18.41
CA ALA B 248 0.01 -4.71 17.50
C ALA B 248 -1.29 -5.11 18.14
N GLU B 249 -2.23 -4.17 18.22
CA GLU B 249 -3.51 -4.38 18.88
C GLU B 249 -4.68 -4.50 17.90
N PHE B 250 -5.43 -5.59 18.02
CA PHE B 250 -6.48 -5.92 17.07
C PHE B 250 -7.87 -5.88 17.70
N TYR B 251 -8.89 -5.70 16.87
CA TYR B 251 -10.27 -5.85 17.27
C TYR B 251 -10.77 -7.15 16.65
N VAL B 252 -11.39 -7.98 17.48
CA VAL B 252 -11.94 -9.24 17.04
C VAL B 252 -13.32 -9.37 17.66
N GLN B 253 -14.30 -9.75 16.86
CA GLN B 253 -15.65 -9.93 17.35
C GLN B 253 -15.97 -11.41 17.46
N CYS B 254 -16.64 -11.77 18.55
CA CYS B 254 -17.06 -13.14 18.78
C CYS B 254 -18.57 -13.24 18.72
N SER B 255 -19.08 -14.24 17.99
CA SER B 255 -20.52 -14.43 17.87
C SER B 255 -21.15 -15.00 19.14
N LEU B 256 -20.33 -15.47 20.07
CA LEU B 256 -20.84 -16.00 21.33
C LEU B 256 -21.08 -14.89 22.32
N THR B 257 -22.04 -15.09 23.22
CA THR B 257 -22.25 -14.17 24.34
C THR B 257 -21.21 -14.37 25.41
N SER B 258 -21.15 -13.44 26.34
CA SER B 258 -20.12 -13.47 27.38
C SER B 258 -20.23 -14.75 28.23
N GLU B 259 -21.45 -15.27 28.32
CA GLU B 259 -21.76 -16.44 29.15
C GLU B 259 -21.29 -17.70 28.45
N GLN B 260 -21.48 -17.75 27.15
CA GLN B 260 -21.00 -18.89 26.36
C GLN B 260 -19.49 -18.95 26.24
N VAL B 261 -18.84 -17.78 26.12
CA VAL B 261 -17.37 -17.75 26.04
C VAL B 261 -16.77 -18.35 27.31
N ARG B 262 -17.27 -17.85 28.46
CA ARG B 262 -16.82 -18.30 29.76
C ARG B 262 -16.93 -19.80 29.92
N LYS B 263 -18.04 -20.36 29.42
CA LYS B 263 -18.26 -21.79 29.47
C LYS B 263 -17.23 -22.51 28.61
N HIS B 264 -17.02 -22.02 27.40
CA HIS B 264 -16.02 -22.61 26.53
C HIS B 264 -14.64 -22.56 27.18
N TYR B 265 -14.33 -21.43 27.81
CA TYR B 265 -13.05 -21.25 28.48
C TYR B 265 -12.84 -22.28 29.61
N LEU B 266 -13.82 -22.37 30.49
CA LEU B 266 -13.73 -23.24 31.66
C LEU B 266 -13.77 -24.72 31.27
N SER B 267 -14.58 -25.06 30.28
CA SER B 267 -14.74 -26.46 29.86
C SER B 267 -13.45 -27.13 29.42
N GLY B 268 -12.39 -26.35 29.26
CA GLY B 268 -11.12 -26.92 28.83
C GLY B 268 -10.37 -27.49 30.02
N GLY B 269 -10.64 -26.94 31.20
CA GLY B 269 -9.92 -27.34 32.41
C GLY B 269 -8.64 -26.54 32.55
N PRO B 270 -8.01 -26.58 33.74
CA PRO B 270 -6.88 -25.73 34.13
C PRO B 270 -5.68 -25.81 33.22
N GLU B 271 -5.55 -26.91 32.51
CA GLU B 271 -4.39 -27.17 31.68
C GLU B 271 -4.67 -26.80 30.22
N ALA B 272 -5.91 -26.43 29.91
CA ALA B 272 -6.27 -26.05 28.55
C ALA B 272 -5.92 -24.59 28.25
N HIS B 273 -5.52 -23.87 29.28
CA HIS B 273 -5.13 -22.47 29.13
C HIS B 273 -4.12 -22.10 30.20
N GLU B 274 -3.23 -21.16 29.88
CA GLU B 274 -2.15 -20.76 30.78
C GLU B 274 -2.51 -19.57 31.67
N SER B 275 -3.66 -18.94 31.42
CA SER B 275 -4.19 -17.98 32.40
C SER B 275 -4.92 -18.75 33.50
N THR B 276 -5.28 -18.03 34.57
CA THR B 276 -5.94 -18.63 35.74
C THR B 276 -7.42 -18.32 35.79
N GLY B 277 -7.90 -17.50 34.85
CA GLY B 277 -9.31 -17.21 34.79
C GLY B 277 -9.66 -16.09 33.83
N ILE B 278 -10.97 -15.97 33.59
CA ILE B 278 -11.54 -15.05 32.62
C ILE B 278 -12.63 -14.19 33.26
N PHE B 279 -12.80 -12.97 32.76
CA PHE B 279 -13.95 -12.16 33.11
C PHE B 279 -14.26 -11.14 32.01
N PHE B 280 -15.28 -10.32 32.24
CA PHE B 280 -15.84 -9.47 31.20
C PHE B 280 -16.16 -8.06 31.72
N VAL B 281 -15.97 -7.06 30.86
CA VAL B 281 -16.36 -5.68 31.18
C VAL B 281 -17.21 -5.14 30.03
N GLU B 282 -18.33 -4.50 30.34
CA GLU B 282 -19.20 -3.96 29.28
C GLU B 282 -18.43 -2.98 28.42
N THR B 283 -18.59 -3.10 27.12
CA THR B 283 -17.97 -2.17 26.17
C THR B 283 -18.31 -0.73 26.56
N GLN B 284 -19.52 -0.54 27.07
CA GLN B 284 -19.99 0.75 27.55
C GLN B 284 -19.19 1.24 28.75
N ASN B 285 -18.64 0.31 29.54
CA ASN B 285 -17.85 0.68 30.71
C ASN B 285 -16.32 0.72 30.46
N VAL B 286 -15.91 0.33 29.25
CA VAL B 286 -14.51 0.25 28.91
C VAL B 286 -13.86 1.63 28.84
N GLN B 287 -14.63 2.62 28.40
CA GLN B 287 -14.11 3.96 28.17
C GLN B 287 -13.83 4.63 29.51
N ARG B 288 -14.62 4.31 30.52
CA ARG B 288 -14.49 4.91 31.86
C ARG B 288 -13.62 4.09 32.82
N LEU B 289 -12.90 3.12 32.25
CA LEU B 289 -12.36 1.98 32.99
C LEU B 289 -11.13 2.31 33.80
N LEU B 290 -10.60 3.49 33.56
CA LEU B 290 -9.27 3.79 33.99
C LEU B 290 -9.37 4.59 35.29
N GLU B 291 -10.63 4.92 35.59
CA GLU B 291 -11.12 5.48 36.85
C GLU B 291 -11.16 4.41 37.94
N THR B 292 -11.36 3.16 37.53
CA THR B 292 -11.55 2.07 38.47
C THR B 292 -10.22 1.57 39.01
N GLU B 293 -10.31 0.64 39.96
CA GLU B 293 -9.13 0.00 40.55
C GLU B 293 -8.58 -1.07 39.61
N MET B 294 -9.35 -1.41 38.59
CA MET B 294 -8.94 -2.44 37.64
C MET B 294 -7.69 -1.99 36.86
N TRP B 295 -7.60 -0.70 36.57
CA TRP B 295 -6.53 -0.20 35.72
C TRP B 295 -5.15 -0.53 36.27
N ALA B 296 -5.01 -0.43 37.59
CA ALA B 296 -3.78 -0.82 38.28
C ALA B 296 -3.55 -2.33 38.19
N GLU B 297 -4.61 -3.09 37.89
CA GLU B 297 -4.50 -4.53 37.76
C GLU B 297 -3.96 -4.89 36.37
N LEU B 298 -4.24 -4.03 35.40
CA LEU B 298 -3.90 -4.29 34.00
C LEU B 298 -2.41 -4.19 33.70
N CYS B 299 -1.92 -5.12 32.88
CA CYS B 299 -0.56 -5.04 32.37
C CYS B 299 -0.45 -4.00 31.24
N PRO B 300 0.78 -3.56 30.95
CA PRO B 300 1.00 -2.46 29.99
C PRO B 300 0.43 -2.75 28.61
N SER B 301 0.63 -3.97 28.14
CA SER B 301 0.13 -4.40 26.85
C SER B 301 -1.40 -4.24 26.79
N ALA B 302 -2.10 -4.73 27.80
CA ALA B 302 -3.54 -4.65 27.86
C ALA B 302 -4.04 -3.22 27.89
N LYS B 303 -3.30 -2.35 28.60
CA LYS B 303 -3.62 -0.93 28.60
C LYS B 303 -3.59 -0.35 27.17
N GLY B 304 -2.53 -0.65 26.43
CA GLY B 304 -2.41 -0.18 25.05
C GLY B 304 -3.60 -0.64 24.21
N ALA B 305 -4.01 -1.88 24.43
CA ALA B 305 -5.18 -2.44 23.76
C ALA B 305 -6.44 -1.65 24.08
N ILE B 306 -6.67 -1.35 25.36
CA ILE B 306 -7.87 -0.63 25.76
C ILE B 306 -7.87 0.79 25.19
N ILE B 307 -6.73 1.47 25.32
CA ILE B 307 -6.62 2.85 24.88
C ILE B 307 -6.92 2.95 23.38
N LEU B 308 -6.31 2.08 22.59
CA LEU B 308 -6.52 2.10 21.14
C LEU B 308 -7.95 1.72 20.80
N TYR B 309 -8.54 0.82 21.58
CA TYR B 309 -9.92 0.43 21.35
C TYR B 309 -10.84 1.63 21.54
N ASN B 310 -10.62 2.36 22.62
CA ASN B 310 -11.45 3.53 22.89
C ASN B 310 -11.30 4.60 21.80
N ARG B 311 -10.07 4.83 21.34
CA ARG B 311 -9.80 5.87 20.34
C ARG B 311 -10.24 5.50 18.93
N VAL B 312 -9.91 4.30 18.49
CA VAL B 312 -10.18 3.91 17.10
C VAL B 312 -11.58 3.33 16.91
N GLN B 313 -12.05 2.58 17.93
CA GLN B 313 -13.32 1.84 17.90
C GLN B 313 -13.34 0.81 16.76
N GLY B 314 -14.51 0.17 16.61
CA GLY B 314 -14.64 -1.06 15.86
C GLY B 314 -15.36 -0.74 14.57
N SER B 315 -15.51 -1.74 13.70
CA SER B 315 -16.37 -1.64 12.52
C SER B 315 -16.76 -3.08 12.13
N PRO B 316 -17.76 -3.26 11.26
CA PRO B 316 -18.24 -4.60 10.92
C PRO B 316 -17.26 -5.43 10.11
N THR B 317 -17.12 -6.71 10.46
CA THR B 317 -16.39 -7.67 9.64
C THR B 317 -17.12 -9.01 9.73
N GLY B 318 -16.96 -9.83 8.70
CA GLY B 318 -17.60 -11.12 8.66
C GLY B 318 -16.75 -12.20 9.30
N ALA B 319 -17.29 -13.42 9.29
CA ALA B 319 -16.63 -14.59 9.83
C ALA B 319 -15.25 -14.83 9.25
N ALA B 320 -14.31 -15.17 10.12
CA ALA B 320 -12.95 -15.46 9.70
C ALA B 320 -12.94 -16.59 8.67
N LEU B 321 -13.77 -17.60 8.87
CA LEU B 321 -13.85 -18.73 7.93
C LEU B 321 -14.36 -18.33 6.55
N GLY B 322 -15.03 -17.18 6.43
CA GLY B 322 -15.57 -16.72 5.15
C GLY B 322 -14.60 -15.92 4.30
N SER B 323 -13.42 -15.64 4.83
CA SER B 323 -12.37 -14.93 4.11
C SER B 323 -11.38 -15.91 3.46
N PRO B 324 -11.03 -15.69 2.18
CA PRO B 324 -10.06 -16.61 1.56
C PRO B 324 -8.65 -16.54 2.17
N ALA B 325 -8.11 -17.69 2.56
CA ALA B 325 -6.73 -17.78 3.06
C ALA B 325 -5.73 -17.78 1.89
N LEU B 326 -4.52 -17.28 2.14
CA LEU B 326 -3.51 -17.17 1.09
C LEU B 326 -2.68 -18.45 0.98
N1 UPG C . -4.62 0.84 -9.61
C2 UPG C . -5.56 -0.25 -9.57
N3 UPG C . -6.64 -0.28 -10.53
C4 UPG C . -6.77 0.72 -11.51
C5 UPG C . -5.83 1.79 -11.56
C6 UPG C . -4.77 1.83 -10.59
O2 UPG C . -5.48 -1.10 -8.76
O4 UPG C . -7.64 0.69 -12.29
C1C UPG C . -3.67 0.91 -8.74
C2C UPG C . -2.39 0.26 -9.25
O2C UPG C . -1.63 -0.25 -8.10
C3C UPG C . -1.76 1.22 -9.81
C4C UPG C . -2.13 2.58 -9.01
O4C UPG C . -3.25 2.38 -8.43
O3C UPG C . -0.39 0.92 -9.62
C5C UPG C . -2.31 3.73 -9.96
O5C UPG C . -1.13 3.93 -10.72
PA UPG C . -1.22 4.54 -12.15
O1A UPG C . -0.04 5.32 -12.38
O2A UPG C . -2.47 5.31 -12.22
O3A UPG C . -1.24 3.39 -13.20
PB UPG C . -0.05 2.45 -13.51
O1B UPG C . 0.42 1.93 -12.25
O2B UPG C . -0.49 1.37 -14.37
O3B UPG C . 1.08 3.26 -14.24
C1' UPG C . 1.11 3.37 -15.61
C2' UPG C . 2.49 3.80 -16.03
C3' UPG C . 2.77 5.13 -15.50
C4' UPG C . 1.82 6.11 -16.09
C5' UPG C . 0.44 5.74 -15.66
C6' UPG C . -0.47 6.63 -16.42
O2' UPG C . 3.51 3.00 -15.47
O3' UPG C . 4.12 5.41 -15.81
O4' UPG C . 2.06 7.42 -15.64
O5' UPG C . 0.11 4.39 -16.01
O6' UPG C . -0.89 5.99 -17.60
#